data_2QH9
#
_entry.id   2QH9
#
_cell.length_a   37.705
_cell.length_b   105.337
_cell.length_c   46.707
_cell.angle_alpha   90.00
_cell.angle_beta   102.39
_cell.angle_gamma   90.00
#
_symmetry.space_group_name_H-M   'P 1 21 1'
#
loop_
_entity.id
_entity.type
_entity.pdbx_description
1 polymer 'UPF0215 protein AF_1433'
2 water water
#
_entity_poly.entity_id   1
_entity_poly.type   'polypeptide(L)'
_entity_poly.pdbx_seq_one_letter_code
;GNA(MSE)KKWRFLGIDDSFDDRKCCVVGCVTCGGYVEGFLYTEIDIDGLDATDKLIS(MSE)VRRSKFREQIKCIFLPG
ITLGGFNLVDIQRVYRETKIPVVVV(MSE)RRKPD(MSE)EEFDSA(MSE)RNLENYELRRKIVEVAGEIHRIGDIYIQT
AGLTPSEAEKLVKASLIKGN(MSE)PEPVRISHLVASAIIHGESRGKA
;
_entity_poly.pdbx_strand_id   A,B
#
# COMPACT_ATOMS: atom_id res chain seq x y z
N GLY A 1 -13.95 -14.72 18.99
CA GLY A 1 -12.77 -14.42 19.85
C GLY A 1 -11.53 -14.80 19.08
N ASN A 2 -10.94 -15.93 19.47
CA ASN A 2 -9.94 -16.59 18.65
C ASN A 2 -10.43 -16.71 17.19
N ALA A 3 -11.71 -17.11 17.02
CA ALA A 3 -12.36 -17.25 15.70
C ALA A 3 -12.43 -15.92 14.93
N LYS A 5 -10.61 -13.42 15.18
CA LYS A 5 -9.28 -12.92 14.82
C LYS A 5 -8.93 -13.30 13.40
N LYS A 6 -9.54 -14.38 12.91
CA LYS A 6 -9.29 -14.86 11.55
C LYS A 6 -10.21 -14.27 10.48
N TRP A 7 -11.21 -13.48 10.86
CA TRP A 7 -12.13 -12.95 9.86
C TRP A 7 -11.47 -11.89 8.95
N ARG A 8 -11.90 -11.87 7.69
CA ARG A 8 -11.38 -10.94 6.72
C ARG A 8 -11.90 -9.55 6.97
N PHE A 9 -10.97 -8.61 7.07
CA PHE A 9 -11.27 -7.23 7.45
C PHE A 9 -10.78 -6.27 6.38
N LEU A 10 -11.57 -5.23 6.10
CA LEU A 10 -11.13 -4.14 5.23
C LEU A 10 -10.92 -2.86 6.07
N GLY A 11 -9.70 -2.32 6.04
CA GLY A 11 -9.33 -1.05 6.72
C GLY A 11 -9.08 0.02 5.70
N ILE A 12 -9.63 1.22 5.92
CA ILE A 12 -9.49 2.30 4.96
C ILE A 12 -8.86 3.52 5.66
N ASP A 13 -7.89 4.19 5.04
CA ASP A 13 -7.48 5.51 5.55
C ASP A 13 -7.13 6.38 4.35
N ASP A 14 -6.83 7.64 4.61
CA ASP A 14 -6.58 8.57 3.53
C ASP A 14 -5.31 9.39 3.81
N SER A 15 -4.95 10.21 2.84
CA SER A 15 -3.96 11.28 3.04
C SER A 15 -4.31 12.32 2.02
N PHE A 16 -4.04 13.58 2.33
CA PHE A 16 -4.32 14.60 1.35
C PHE A 16 -3.36 15.78 1.53
N ASP A 17 -3.03 16.44 0.43
CA ASP A 17 -2.27 17.70 0.51
C ASP A 17 -3.14 18.87 0.10
N ASP A 18 -2.54 19.82 -0.60
CA ASP A 18 -3.27 21.00 -1.05
C ASP A 18 -4.11 20.71 -2.30
N ARG A 19 -3.90 19.55 -2.93
CA ARG A 19 -4.48 19.30 -4.26
C ARG A 19 -5.08 17.92 -4.53
N LYS A 20 -4.63 16.90 -3.81
CA LYS A 20 -5.08 15.54 -4.08
C LYS A 20 -5.41 14.85 -2.75
N CYS A 21 -6.46 14.03 -2.76
CA CYS A 21 -6.73 13.11 -1.65
C CYS A 21 -6.82 11.69 -2.20
N CYS A 22 -6.04 10.78 -1.63
CA CYS A 22 -6.22 9.38 -1.95
C CYS A 22 -6.72 8.61 -0.76
N VAL A 23 -7.43 7.55 -1.09
CA VAL A 23 -8.04 6.74 -0.10
C VAL A 23 -7.57 5.33 -0.41
N VAL A 24 -7.00 4.68 0.61
CA VAL A 24 -6.48 3.32 0.43
C VAL A 24 -7.28 2.37 1.30
N GLY A 25 -7.61 1.21 0.73
CA GLY A 25 -8.20 0.10 1.47
C GLY A 25 -7.17 -1.03 1.54
N CYS A 26 -7.15 -1.72 2.66
CA CYS A 26 -6.33 -2.90 2.82
C CYS A 26 -7.16 -4.05 3.36
N VAL A 27 -7.02 -5.22 2.75
CA VAL A 27 -7.73 -6.42 3.25
C VAL A 27 -6.70 -7.32 3.94
N THR A 28 -6.99 -7.67 5.20
CA THR A 28 -6.13 -8.54 5.98
C THR A 28 -6.94 -9.73 6.48
N CYS A 29 -6.23 -10.83 6.75
CA CYS A 29 -6.78 -12.01 7.43
C CYS A 29 -5.81 -12.44 8.51
N GLY A 30 -6.22 -12.27 9.77
CA GLY A 30 -5.32 -12.54 10.92
C GLY A 30 -4.05 -11.69 10.86
N GLY A 31 -4.17 -10.51 10.26
CA GLY A 31 -3.05 -9.57 10.10
C GLY A 31 -2.28 -9.76 8.80
N TYR A 32 -2.53 -10.85 8.09
CA TYR A 32 -1.83 -11.14 6.84
C TYR A 32 -2.47 -10.39 5.68
N VAL A 33 -1.68 -9.52 5.05
CA VAL A 33 -2.13 -8.67 3.94
C VAL A 33 -2.51 -9.49 2.71
N GLU A 34 -3.76 -9.38 2.27
CA GLU A 34 -4.27 -10.15 1.15
C GLU A 34 -4.57 -9.29 -0.10
N GLY A 35 -4.77 -7.98 0.06
CA GLY A 35 -5.11 -7.15 -1.08
C GLY A 35 -5.23 -5.68 -0.72
N PHE A 36 -5.29 -4.84 -1.73
CA PHE A 36 -5.45 -3.40 -1.53
C PHE A 36 -6.52 -2.88 -2.48
N LEU A 37 -7.05 -1.70 -2.16
CA LEU A 37 -8.01 -0.99 -2.99
C LEU A 37 -7.56 0.46 -2.96
N TYR A 38 -7.85 1.16 -4.05
CA TYR A 38 -7.46 2.57 -4.16
C TYR A 38 -8.51 3.42 -4.84
N THR A 39 -8.69 4.64 -4.33
CA THR A 39 -9.45 5.64 -5.05
C THR A 39 -9.06 7.08 -4.65
N GLU A 40 -9.58 8.06 -5.37
CA GLU A 40 -9.33 9.46 -5.05
C GLU A 40 -10.66 10.16 -4.82
N ILE A 41 -10.70 11.07 -3.86
CA ILE A 41 -11.90 11.81 -3.57
C ILE A 41 -11.61 13.32 -3.59
N ASP A 42 -12.65 14.11 -3.62
CA ASP A 42 -12.49 15.58 -3.62
C ASP A 42 -12.16 16.09 -2.22
N ILE A 43 -11.12 16.91 -2.09
CA ILE A 43 -10.82 17.50 -0.77
C ILE A 43 -11.98 18.40 -0.29
N ASP A 44 -12.51 18.07 0.89
CA ASP A 44 -13.62 18.79 1.52
C ASP A 44 -14.87 18.68 0.64
N GLY A 45 -14.87 17.67 -0.23
CA GLY A 45 -15.92 17.47 -1.21
C GLY A 45 -17.13 16.71 -0.68
N LEU A 46 -17.86 16.09 -1.61
CA LEU A 46 -19.15 15.47 -1.31
C LEU A 46 -19.25 14.04 -1.86
N ASP A 47 -18.18 13.59 -2.50
CA ASP A 47 -18.17 12.28 -3.19
C ASP A 47 -17.65 11.06 -2.39
N ALA A 48 -17.25 11.25 -1.13
CA ALA A 48 -16.53 10.17 -0.41
C ALA A 48 -17.36 8.91 -0.29
N THR A 49 -18.64 9.04 0.07
CA THR A 49 -19.48 7.86 0.28
C THR A 49 -19.62 7.05 -1.01
N ASP A 50 -20.00 7.71 -2.11
CA ASP A 50 -20.13 7.04 -3.41
C ASP A 50 -18.80 6.34 -3.78
N LYS A 51 -17.70 7.09 -3.65
CA LYS A 51 -16.36 6.61 -4.02
C LYS A 51 -15.95 5.36 -3.23
N LEU A 52 -16.21 5.38 -1.92
CA LEU A 52 -15.92 4.25 -1.03
C LEU A 52 -16.75 3.00 -1.36
N ILE A 53 -18.06 3.19 -1.58
CA ILE A 53 -18.92 2.04 -1.91
C ILE A 53 -18.48 1.44 -3.26
N SER A 54 -18.20 2.31 -4.23
CA SER A 54 -17.77 1.87 -5.55
C SER A 54 -16.46 1.10 -5.53
N VAL A 56 -15.37 -0.69 -2.91
CA VAL A 56 -15.62 -1.99 -2.25
C VAL A 56 -16.26 -2.96 -3.24
N ARG A 57 -17.20 -2.46 -4.04
CA ARG A 57 -17.87 -3.24 -5.06
C ARG A 57 -16.91 -3.80 -6.12
N ARG A 58 -15.68 -3.27 -6.13
CA ARG A 58 -14.57 -3.71 -6.99
C ARG A 58 -13.66 -4.74 -6.31
N SER A 59 -13.75 -4.87 -4.99
CA SER A 59 -12.98 -5.88 -4.28
C SER A 59 -13.36 -7.28 -4.74
N LYS A 60 -12.36 -8.12 -4.96
CA LYS A 60 -12.63 -9.53 -5.21
C LYS A 60 -12.95 -10.25 -3.88
N PHE A 61 -12.84 -9.53 -2.75
CA PHE A 61 -13.07 -10.09 -1.41
C PHE A 61 -14.42 -9.71 -0.79
N ARG A 62 -15.22 -8.88 -1.47
CA ARG A 62 -16.44 -8.30 -0.87
C ARG A 62 -17.40 -9.27 -0.16
N GLU A 63 -17.51 -10.48 -0.70
CA GLU A 63 -18.39 -11.51 -0.14
C GLU A 63 -17.75 -12.20 1.07
N GLN A 64 -16.44 -11.97 1.24
CA GLN A 64 -15.72 -12.49 2.41
C GLN A 64 -15.35 -11.42 3.45
N ILE A 65 -15.50 -10.14 3.12
CA ILE A 65 -15.19 -9.09 4.11
C ILE A 65 -16.25 -9.02 5.21
N LYS A 66 -15.83 -9.22 6.46
CA LYS A 66 -16.76 -9.26 7.60
C LYS A 66 -16.94 -7.90 8.28
N CYS A 67 -16.01 -7.00 8.03
CA CYS A 67 -16.15 -5.66 8.66
C CYS A 67 -15.31 -4.66 7.90
N ILE A 68 -15.84 -3.44 7.81
CA ILE A 68 -15.07 -2.30 7.30
C ILE A 68 -14.66 -1.43 8.44
N PHE A 69 -13.36 -1.10 8.54
CA PHE A 69 -12.89 -0.13 9.54
C PHE A 69 -12.45 1.21 8.93
N LEU A 70 -12.85 2.27 9.61
CA LEU A 70 -12.57 3.64 9.19
C LEU A 70 -11.94 4.42 10.37
N PRO A 71 -11.09 5.43 10.06
CA PRO A 71 -10.43 6.23 11.11
C PRO A 71 -11.26 7.45 11.57
N GLY A 72 -12.43 7.64 10.97
CA GLY A 72 -13.32 8.76 11.30
C GLY A 72 -14.49 8.74 10.31
N ILE A 73 -15.38 9.71 10.42
CA ILE A 73 -16.51 9.79 9.46
C ILE A 73 -16.30 10.81 8.33
N THR A 74 -15.07 11.24 8.22
CA THR A 74 -14.74 12.18 7.16
C THR A 74 -13.42 11.72 6.59
N LEU A 75 -13.26 11.94 5.30
CA LEU A 75 -11.98 11.71 4.61
C LEU A 75 -11.74 12.98 3.82
N GLY A 76 -10.48 13.17 3.41
CA GLY A 76 -10.12 14.35 2.65
C GLY A 76 -10.46 15.64 3.40
N GLY A 77 -10.36 15.62 4.73
CA GLY A 77 -10.66 16.80 5.53
C GLY A 77 -12.12 16.78 5.92
N PHE A 78 -12.97 17.34 5.06
CA PHE A 78 -14.40 17.49 5.35
C PHE A 78 -15.32 16.81 4.35
N ASN A 79 -14.81 15.73 3.73
CA ASN A 79 -15.62 14.89 2.86
C ASN A 79 -16.27 13.74 3.64
N LEU A 80 -17.49 13.97 4.10
CA LEU A 80 -18.16 13.03 4.99
C LEU A 80 -18.52 11.69 4.37
N VAL A 81 -18.36 10.67 5.20
CA VAL A 81 -18.75 9.31 4.81
C VAL A 81 -20.02 8.94 5.60
N ASP A 82 -21.07 8.63 4.87
CA ASP A 82 -22.32 8.16 5.46
C ASP A 82 -22.19 6.65 5.75
N ILE A 83 -21.88 6.35 7.01
CA ILE A 83 -21.58 4.94 7.32
C ILE A 83 -22.77 4.00 7.29
N GLN A 84 -23.98 4.54 7.49
CA GLN A 84 -25.17 3.75 7.38
C GLN A 84 -25.37 3.38 5.93
N ARG A 85 -25.16 4.35 5.04
CA ARG A 85 -25.25 4.06 3.60
C ARG A 85 -24.23 3.03 3.07
N VAL A 86 -23.00 3.10 3.58
CA VAL A 86 -22.00 2.13 3.24
C VAL A 86 -22.46 0.74 3.67
N TYR A 87 -23.01 0.65 4.88
CA TYR A 87 -23.49 -0.63 5.40
C TYR A 87 -24.62 -1.20 4.57
N ARG A 88 -25.57 -0.34 4.23
CA ARG A 88 -26.69 -0.76 3.41
C ARG A 88 -26.27 -1.22 2.02
N GLU A 89 -25.46 -0.41 1.34
CA GLU A 89 -25.07 -0.69 -0.05
C GLU A 89 -24.04 -1.82 -0.23
N THR A 90 -23.14 -2.00 0.75
CA THR A 90 -22.13 -3.03 0.64
C THR A 90 -22.54 -4.30 1.39
N LYS A 91 -23.52 -4.21 2.30
CA LYS A 91 -23.86 -5.31 3.21
C LYS A 91 -22.77 -5.68 4.20
N ILE A 92 -21.81 -4.80 4.39
CA ILE A 92 -20.75 -5.05 5.35
C ILE A 92 -20.85 -4.00 6.45
N PRO A 93 -20.84 -4.44 7.74
CA PRO A 93 -20.90 -3.49 8.86
C PRO A 93 -19.66 -2.63 8.89
N VAL A 94 -19.80 -1.48 9.52
CA VAL A 94 -18.76 -0.43 9.59
C VAL A 94 -18.47 -0.06 11.05
N VAL A 95 -17.18 -0.08 11.42
CA VAL A 95 -16.73 0.48 12.70
C VAL A 95 -15.79 1.66 12.43
N VAL A 96 -16.16 2.82 12.93
CA VAL A 96 -15.28 3.95 12.94
C VAL A 96 -14.45 3.88 14.24
N VAL A 97 -13.13 3.93 14.12
CA VAL A 97 -12.23 3.82 15.32
C VAL A 97 -11.31 5.05 15.38
N ARG A 99 -8.58 7.26 17.84
CA ARG A 99 -7.82 7.28 19.09
C ARG A 99 -7.88 8.66 19.79
N ARG A 100 -8.52 9.64 19.14
CA ARG A 100 -8.79 10.95 19.75
C ARG A 100 -10.26 11.25 19.57
N LYS A 101 -10.92 11.65 20.63
CA LYS A 101 -12.33 12.03 20.49
C LYS A 101 -12.49 13.23 19.56
N PRO A 102 -13.40 13.13 18.57
CA PRO A 102 -13.58 14.28 17.72
C PRO A 102 -14.33 15.39 18.42
N ASP A 103 -14.00 16.63 18.07
CA ASP A 103 -14.74 17.76 18.58
C ASP A 103 -15.82 18.10 17.56
N GLU A 105 -18.58 19.95 17.68
CA GLU A 105 -18.97 21.38 17.57
C GLU A 105 -17.98 22.15 16.72
N GLU A 106 -16.69 21.97 17.00
CA GLU A 106 -15.65 22.55 16.20
C GLU A 106 -15.79 22.18 14.72
N PHE A 107 -15.97 20.89 14.47
CA PHE A 107 -16.16 20.34 13.13
C PHE A 107 -17.35 21.02 12.40
N ASP A 108 -18.47 21.16 13.11
CA ASP A 108 -19.64 21.79 12.50
C ASP A 108 -19.36 23.26 12.17
N SER A 109 -18.51 23.89 12.97
CA SER A 109 -18.26 25.35 12.78
C SER A 109 -17.56 25.57 11.43
N ALA A 110 -16.80 24.55 11.01
CA ALA A 110 -16.18 24.54 9.70
C ALA A 110 -17.17 24.15 8.63
N ARG A 112 -20.30 24.36 8.35
CA ARG A 112 -21.48 25.17 8.10
C ARG A 112 -21.32 26.10 6.89
N ASN A 113 -20.06 26.36 6.50
CA ASN A 113 -19.73 27.19 5.35
C ASN A 113 -19.50 26.42 4.05
N LEU A 114 -19.64 25.10 4.08
CA LEU A 114 -19.34 24.34 2.86
C LEU A 114 -20.60 24.07 2.02
N GLU A 115 -20.39 23.71 0.76
CA GLU A 115 -21.48 23.39 -0.16
C GLU A 115 -22.36 22.30 0.46
N ASN A 116 -23.67 22.50 0.41
CA ASN A 116 -24.64 21.49 0.85
C ASN A 116 -24.44 21.10 2.32
N TYR A 117 -24.43 22.11 3.17
CA TYR A 117 -24.31 21.87 4.62
C TYR A 117 -25.42 20.94 5.12
N GLU A 118 -26.60 21.02 4.50
CA GLU A 118 -27.72 20.19 4.97
C GLU A 118 -27.43 18.69 4.88
N LEU A 119 -26.88 18.25 3.75
CA LEU A 119 -26.53 16.83 3.55
C LEU A 119 -25.46 16.47 4.56
N ARG A 120 -24.49 17.39 4.74
CA ARG A 120 -23.34 17.11 5.60
C ARG A 120 -23.81 16.89 7.04
N ARG A 121 -24.68 17.79 7.54
CA ARG A 121 -25.30 17.67 8.85
C ARG A 121 -26.00 16.30 8.99
N LYS A 122 -26.77 15.92 7.98
CA LYS A 122 -27.49 14.64 8.01
C LYS A 122 -26.54 13.46 8.12
N ILE A 123 -25.44 13.48 7.34
CA ILE A 123 -24.43 12.41 7.38
C ILE A 123 -23.80 12.28 8.77
N VAL A 124 -23.50 13.42 9.39
CA VAL A 124 -22.95 13.38 10.75
C VAL A 124 -23.98 12.82 11.75
N GLU A 125 -25.25 13.13 11.56
CA GLU A 125 -26.29 12.66 12.49
C GLU A 125 -26.46 11.15 12.38
N VAL A 126 -26.50 10.65 11.15
CA VAL A 126 -26.72 9.17 10.93
C VAL A 126 -25.56 8.30 11.42
N ALA A 127 -24.37 8.91 11.58
CA ALA A 127 -23.22 8.21 12.19
C ALA A 127 -23.50 7.76 13.62
N GLY A 128 -24.49 8.40 14.25
CA GLY A 128 -24.90 8.09 15.60
C GLY A 128 -23.93 8.41 16.73
N GLU A 129 -24.19 7.75 17.85
CA GLU A 129 -23.52 7.99 19.12
C GLU A 129 -22.04 7.62 19.02
N ILE A 130 -21.20 8.42 19.67
CA ILE A 130 -19.77 8.15 19.84
C ILE A 130 -19.58 7.40 21.16
N HIS A 131 -19.11 6.16 21.09
CA HIS A 131 -18.94 5.32 22.27
C HIS A 131 -17.49 5.29 22.72
N ARG A 132 -17.29 5.60 23.99
CA ARG A 132 -15.98 5.48 24.60
C ARG A 132 -15.91 4.13 25.31
N ILE A 133 -14.96 3.32 24.86
CA ILE A 133 -14.63 2.05 25.51
C ILE A 133 -13.12 1.84 25.40
N GLY A 134 -12.46 1.57 26.54
CA GLY A 134 -11.00 1.59 26.54
C GLY A 134 -10.52 3.01 26.29
N ASP A 135 -9.42 3.15 25.55
CA ASP A 135 -8.83 4.45 25.22
C ASP A 135 -9.14 4.97 23.82
N ILE A 136 -10.11 4.34 23.17
CA ILE A 136 -10.51 4.76 21.83
C ILE A 136 -11.99 5.12 21.80
N TYR A 137 -12.43 5.71 20.69
CA TYR A 137 -13.82 6.12 20.52
C TYR A 137 -14.34 5.47 19.25
N ILE A 138 -15.58 5.00 19.29
CA ILE A 138 -16.12 4.33 18.12
C ILE A 138 -17.52 4.80 17.75
N GLN A 139 -17.79 4.74 16.45
CA GLN A 139 -19.13 4.86 15.90
C GLN A 139 -19.29 3.63 15.02
N THR A 140 -20.54 3.26 14.80
CA THR A 140 -20.83 1.99 14.15
C THR A 140 -22.10 2.08 13.29
N ALA A 141 -22.15 1.22 12.28
CA ALA A 141 -23.34 1.03 11.47
C ALA A 141 -23.41 -0.46 11.25
N GLY A 142 -24.54 -1.02 11.68
CA GLY A 142 -24.79 -2.47 11.47
C GLY A 142 -24.41 -3.36 12.65
N LEU A 143 -23.99 -2.75 13.74
CA LEU A 143 -23.47 -3.45 14.93
C LEU A 143 -23.88 -2.74 16.21
N THR A 144 -24.03 -3.50 17.29
CA THR A 144 -24.13 -2.84 18.58
C THR A 144 -22.73 -2.39 19.02
N PRO A 145 -22.66 -1.47 19.99
CA PRO A 145 -21.35 -1.09 20.51
C PRO A 145 -20.53 -2.28 21.01
N SER A 146 -21.18 -3.26 21.66
CA SER A 146 -20.48 -4.42 22.14
C SER A 146 -19.91 -5.24 20.98
N GLU A 147 -20.73 -5.47 19.95
CA GLU A 147 -20.24 -6.20 18.76
C GLU A 147 -19.08 -5.44 18.09
N ALA A 148 -19.20 -4.12 18.01
CA ALA A 148 -18.15 -3.31 17.42
C ALA A 148 -16.84 -3.49 18.21
N GLU A 149 -16.94 -3.49 19.54
CA GLU A 149 -15.79 -3.61 20.43
C GLU A 149 -15.06 -4.92 20.18
N LYS A 150 -15.81 -6.01 20.09
CA LYS A 150 -15.23 -7.33 19.85
C LYS A 150 -14.44 -7.34 18.53
N LEU A 151 -15.02 -6.71 17.51
CA LEU A 151 -14.42 -6.66 16.16
C LEU A 151 -13.11 -5.85 16.15
N VAL A 152 -13.14 -4.70 16.82
CA VAL A 152 -11.92 -3.89 16.94
C VAL A 152 -10.80 -4.73 17.57
N LYS A 153 -11.10 -5.36 18.70
CA LYS A 153 -10.08 -6.16 19.41
C LYS A 153 -9.52 -7.26 18.52
N ALA A 154 -10.40 -7.91 17.78
CA ALA A 154 -10.01 -9.03 16.93
C ALA A 154 -9.14 -8.58 15.76
N SER A 155 -9.19 -7.29 15.42
CA SER A 155 -8.48 -6.76 14.26
C SER A 155 -7.06 -6.23 14.62
N LEU A 156 -6.75 -6.18 15.91
CA LEU A 156 -5.45 -5.65 16.36
C LEU A 156 -4.34 -6.67 16.28
N ILE A 157 -3.15 -6.22 15.87
CA ILE A 157 -1.95 -7.03 15.97
C ILE A 157 -1.12 -6.38 17.07
N LYS A 158 -0.38 -5.32 16.73
CA LYS A 158 0.35 -4.51 17.70
C LYS A 158 -0.25 -3.10 17.66
N GLY A 159 -0.38 -2.49 18.83
CA GLY A 159 -1.03 -1.17 18.90
C GLY A 159 -2.56 -1.18 18.82
N ASN A 160 -3.16 0.01 18.76
CA ASN A 160 -4.57 0.13 19.11
C ASN A 160 -5.52 0.40 17.94
N PRO A 162 -7.09 -0.94 14.21
CA PRO A 162 -7.19 -2.14 13.37
C PRO A 162 -6.05 -2.21 12.36
N GLU A 163 -5.52 -3.42 12.21
CA GLU A 163 -4.32 -3.66 11.42
C GLU A 163 -4.48 -3.14 10.01
N PRO A 164 -5.62 -3.42 9.32
CA PRO A 164 -5.60 -2.90 7.96
C PRO A 164 -5.70 -1.38 7.85
N VAL A 165 -6.32 -0.72 8.82
CA VAL A 165 -6.24 0.76 8.88
C VAL A 165 -4.81 1.29 8.99
N ARG A 166 -4.04 0.73 9.94
CA ARG A 166 -2.64 1.10 10.16
C ARG A 166 -1.90 0.99 8.82
N ILE A 167 -2.09 -0.12 8.13
CA ILE A 167 -1.37 -0.34 6.88
C ILE A 167 -1.83 0.60 5.76
N SER A 168 -3.14 0.83 5.64
CA SER A 168 -3.67 1.72 4.60
C SER A 168 -3.17 3.16 4.88
N HIS A 169 -3.04 3.54 6.14
CA HIS A 169 -2.52 4.87 6.48
C HIS A 169 -1.07 5.05 5.98
N LEU A 170 -0.26 4.01 6.15
CA LEU A 170 1.13 4.02 5.70
C LEU A 170 1.21 4.14 4.19
N VAL A 171 0.39 3.36 3.46
CA VAL A 171 0.32 3.49 2.01
C VAL A 171 -0.10 4.90 1.56
N ALA A 172 -1.24 5.38 2.06
CA ALA A 172 -1.79 6.66 1.60
C ALA A 172 -0.84 7.83 1.84
N SER A 173 -0.18 7.80 2.99
CA SER A 173 0.78 8.84 3.41
C SER A 173 1.99 8.84 2.47
N ALA A 174 2.43 7.64 2.08
CA ALA A 174 3.57 7.48 1.13
C ALA A 174 3.23 8.01 -0.26
N ILE A 175 2.00 7.76 -0.70
CA ILE A 175 1.54 8.23 -2.01
C ILE A 175 1.52 9.76 -2.02
N ILE A 176 0.97 10.37 -0.98
CA ILE A 176 0.84 11.83 -0.98
C ILE A 176 2.11 12.55 -0.56
N HIS A 177 2.58 12.21 0.64
CA HIS A 177 3.57 13.02 1.36
C HIS A 177 4.96 12.48 1.06
N GLY A 178 5.03 11.69 0.00
CA GLY A 178 6.25 11.05 -0.46
C GLY A 178 6.08 10.56 -1.89
N LYS B 6 15.13 -11.01 10.92
CA LYS B 6 15.16 -9.92 11.93
C LYS B 6 15.63 -8.62 11.26
N TRP B 7 16.15 -8.75 10.05
CA TRP B 7 16.53 -7.58 9.29
C TRP B 7 15.28 -6.84 8.78
N ARG B 8 15.44 -5.57 8.43
CA ARG B 8 14.45 -4.84 7.64
C ARG B 8 14.78 -5.01 6.16
N PHE B 9 13.77 -5.37 5.37
CA PHE B 9 13.99 -5.58 3.95
C PHE B 9 13.11 -4.60 3.21
N LEU B 10 13.64 -4.06 2.10
CA LEU B 10 12.88 -3.14 1.28
C LEU B 10 12.57 -3.85 -0.03
N GLY B 11 11.26 -4.09 -0.28
CA GLY B 11 10.80 -4.80 -1.48
C GLY B 11 10.12 -3.78 -2.39
N ILE B 12 10.53 -3.74 -3.66
CA ILE B 12 10.03 -2.79 -4.67
C ILE B 12 9.29 -3.51 -5.80
N ASP B 13 8.14 -2.96 -6.21
CA ASP B 13 7.48 -3.45 -7.42
C ASP B 13 6.79 -2.26 -8.07
N ASP B 14 6.31 -2.45 -9.29
CA ASP B 14 5.69 -1.37 -10.04
C ASP B 14 4.35 -1.81 -10.64
N SER B 15 3.65 -0.87 -11.27
CA SER B 15 2.53 -1.19 -12.15
C SER B 15 2.44 -0.03 -13.11
N PHE B 16 1.94 -0.27 -14.31
CA PHE B 16 1.75 0.82 -15.26
C PHE B 16 0.61 0.52 -16.20
N ASP B 17 0.09 1.57 -16.80
CA ASP B 17 -0.93 1.38 -17.81
C ASP B 17 -0.51 2.17 -19.03
N ASP B 18 -1.48 2.69 -19.76
CA ASP B 18 -1.18 3.47 -20.94
C ASP B 18 -0.64 4.89 -20.63
N ARG B 19 -0.74 5.34 -19.38
CA ARG B 19 -0.43 6.75 -19.06
C ARG B 19 0.60 6.97 -17.96
N LYS B 20 0.55 6.11 -16.92
CA LYS B 20 1.27 6.30 -15.65
C LYS B 20 1.98 5.03 -15.20
N CYS B 21 3.12 5.18 -14.52
CA CYS B 21 3.79 4.06 -13.89
C CYS B 21 4.11 4.46 -12.46
N CYS B 22 3.62 3.68 -11.51
CA CYS B 22 4.03 3.95 -10.15
C CYS B 22 4.93 2.84 -9.66
N VAL B 23 5.83 3.24 -8.78
CA VAL B 23 6.75 2.33 -8.17
C VAL B 23 6.49 2.42 -6.67
N VAL B 24 6.30 1.27 -6.05
CA VAL B 24 5.99 1.16 -4.61
C VAL B 24 7.10 0.38 -3.90
N GLY B 25 7.51 0.91 -2.76
CA GLY B 25 8.48 0.27 -1.89
C GLY B 25 7.75 -0.06 -0.59
N CYS B 26 8.06 -1.23 -0.04
CA CYS B 26 7.49 -1.71 1.23
C CYS B 26 8.64 -2.17 2.13
N VAL B 27 8.59 -1.78 3.39
CA VAL B 27 9.60 -2.18 4.36
C VAL B 27 8.94 -3.14 5.33
N THR B 28 9.51 -4.34 5.42
CA THR B 28 9.02 -5.36 6.34
C THR B 28 10.11 -5.79 7.30
N CYS B 29 9.71 -6.23 8.48
CA CYS B 29 10.65 -6.86 9.40
C CYS B 29 9.98 -8.12 9.92
N GLY B 30 10.51 -9.28 9.56
CA GLY B 30 9.85 -10.57 9.88
C GLY B 30 8.49 -10.72 9.20
N GLY B 31 8.31 -10.03 8.07
CA GLY B 31 7.03 -10.03 7.36
C GLY B 31 6.06 -8.97 7.85
N TYR B 32 6.41 -8.30 8.95
CA TYR B 32 5.53 -7.31 9.53
C TYR B 32 5.75 -6.01 8.78
N VAL B 33 4.67 -5.42 8.26
CA VAL B 33 4.79 -4.21 7.44
C VAL B 33 5.08 -2.98 8.31
N GLU B 34 6.17 -2.27 8.01
CA GLU B 34 6.62 -1.12 8.82
C GLU B 34 6.53 0.23 8.10
N GLY B 35 6.51 0.21 6.76
CA GLY B 35 6.47 1.45 6.02
C GLY B 35 6.38 1.20 4.53
N PHE B 36 6.11 2.28 3.80
CA PHE B 36 5.95 2.33 2.36
C PHE B 36 6.65 3.57 1.78
N LEU B 37 7.07 3.42 0.53
CA LEU B 37 7.65 4.49 -0.26
C LEU B 37 6.95 4.50 -1.59
N TYR B 38 6.86 5.66 -2.20
CA TYR B 38 6.14 5.74 -3.48
C TYR B 38 6.82 6.75 -4.39
N THR B 39 6.95 6.38 -5.66
CA THR B 39 7.32 7.35 -6.73
C THR B 39 6.68 7.00 -8.08
N GLU B 40 6.76 7.92 -9.04
CA GLU B 40 6.34 7.63 -10.40
C GLU B 40 7.53 7.75 -11.34
N ILE B 41 7.54 6.95 -12.39
CA ILE B 41 8.61 6.98 -13.36
C ILE B 41 8.01 6.99 -14.77
N ASP B 42 8.86 7.24 -15.76
CA ASP B 42 8.45 7.21 -17.16
C ASP B 42 8.32 5.81 -17.74
N ILE B 43 7.18 5.52 -18.36
CA ILE B 43 7.00 4.25 -19.05
C ILE B 43 8.06 4.13 -20.15
N ASP B 44 8.77 3.01 -20.18
CA ASP B 44 9.76 2.75 -21.23
C ASP B 44 10.84 3.83 -21.29
N GLY B 45 10.99 4.54 -20.17
CA GLY B 45 11.90 5.67 -20.01
C GLY B 45 13.29 5.28 -19.51
N LEU B 46 13.96 6.25 -18.89
CA LEU B 46 15.35 6.10 -18.46
C LEU B 46 15.59 6.57 -17.02
N ASP B 47 14.53 7.05 -16.34
CA ASP B 47 14.67 7.68 -15.03
C ASP B 47 14.58 6.76 -13.78
N ALA B 48 14.39 5.45 -13.99
CA ALA B 48 14.06 4.53 -12.87
C ALA B 48 15.18 4.43 -11.85
N THR B 49 16.43 4.38 -12.32
CA THR B 49 17.55 4.24 -11.39
C THR B 49 17.63 5.44 -10.47
N ASP B 50 17.59 6.64 -11.07
CA ASP B 50 17.62 7.87 -10.27
C ASP B 50 16.44 7.91 -9.31
N LYS B 51 15.23 7.75 -9.85
CA LYS B 51 14.01 7.74 -9.02
C LYS B 51 14.11 6.74 -7.87
N LEU B 52 14.58 5.53 -8.13
CA LEU B 52 14.73 4.52 -7.05
C LEU B 52 15.76 4.90 -5.98
N ILE B 53 16.92 5.39 -6.41
CA ILE B 53 17.92 5.88 -5.47
C ILE B 53 17.33 7.07 -4.68
N SER B 54 16.72 8.01 -5.39
CA SER B 54 16.10 9.17 -4.75
C SER B 54 15.05 8.74 -3.73
N VAL B 56 14.91 5.99 -2.05
CA VAL B 56 15.47 5.25 -0.93
C VAL B 56 16.06 6.18 0.12
N ARG B 57 16.19 7.46 -0.25
CA ARG B 57 17.11 8.37 0.43
C ARG B 57 16.38 9.23 1.45
N ARG B 58 15.55 10.15 0.95
CA ARG B 58 14.16 10.23 1.38
C ARG B 58 13.95 9.50 2.71
N SER B 59 14.03 8.18 2.67
CA SER B 59 13.20 7.33 3.53
C SER B 59 13.76 7.27 4.94
N LYS B 60 12.92 6.87 5.89
CA LYS B 60 13.26 6.97 7.31
C LYS B 60 13.88 5.67 7.85
N PHE B 61 13.85 4.62 7.02
CA PHE B 61 14.43 3.31 7.36
C PHE B 61 15.75 3.08 6.62
N ARG B 62 16.19 4.09 5.87
CA ARG B 62 17.30 3.94 4.92
C ARG B 62 18.60 3.36 5.49
N GLU B 63 18.88 3.65 6.75
CA GLU B 63 20.10 3.14 7.37
C GLU B 63 19.83 1.87 8.21
N GLN B 64 18.61 1.36 8.12
CA GLN B 64 18.22 0.12 8.77
C GLN B 64 17.98 -1.02 7.78
N ILE B 65 17.97 -0.69 6.49
CA ILE B 65 17.67 -1.69 5.44
C ILE B 65 18.83 -2.66 5.15
N LYS B 66 18.56 -3.96 5.27
CA LYS B 66 19.53 -5.01 4.98
C LYS B 66 19.80 -5.14 3.47
N CYS B 67 18.75 -5.25 2.68
CA CYS B 67 18.87 -5.27 1.21
C CYS B 67 17.58 -4.79 0.58
N ILE B 68 17.70 -4.45 -0.70
CA ILE B 68 16.58 -4.06 -1.55
C ILE B 68 16.25 -5.27 -2.44
N PHE B 69 14.97 -5.68 -2.49
CA PHE B 69 14.56 -6.73 -3.42
C PHE B 69 13.77 -6.09 -4.59
N LEU B 70 14.10 -6.52 -5.80
CA LEU B 70 13.39 -6.17 -7.05
C LEU B 70 12.86 -7.44 -7.74
N PRO B 71 11.73 -7.36 -8.49
CA PRO B 71 11.18 -8.53 -9.22
C PRO B 71 11.79 -8.69 -10.62
N GLY B 72 12.72 -7.81 -10.97
CA GLY B 72 13.43 -7.81 -12.24
C GLY B 72 14.07 -6.46 -12.26
N ILE B 73 14.87 -6.16 -13.28
CA ILE B 73 15.40 -4.81 -13.43
C ILE B 73 14.43 -3.92 -14.25
N THR B 74 13.46 -4.58 -14.85
CA THR B 74 12.51 -3.96 -15.78
C THR B 74 11.33 -3.26 -15.09
N LEU B 75 11.47 -1.98 -14.81
CA LEU B 75 10.32 -1.21 -14.26
C LEU B 75 9.68 -0.34 -15.34
N GLY B 76 8.39 -0.09 -15.23
CA GLY B 76 7.70 0.72 -16.24
C GLY B 76 7.90 0.15 -17.62
N GLY B 77 7.88 -1.18 -17.72
CA GLY B 77 8.20 -1.90 -18.95
C GLY B 77 9.70 -2.06 -19.16
N PHE B 78 10.30 -1.11 -19.87
CA PHE B 78 11.74 -1.14 -20.19
C PHE B 78 12.52 0.05 -19.61
N ASN B 79 12.01 0.64 -18.53
CA ASN B 79 12.75 1.66 -17.79
C ASN B 79 13.69 0.92 -16.80
N LEU B 80 14.89 0.60 -17.27
CA LEU B 80 15.72 -0.39 -16.57
C LEU B 80 16.44 0.17 -15.36
N VAL B 81 16.63 -0.68 -14.34
CA VAL B 81 17.30 -0.31 -13.09
C VAL B 81 18.75 -0.79 -13.15
N ASP B 82 19.69 0.14 -12.96
CA ASP B 82 21.11 -0.21 -12.89
C ASP B 82 21.39 -0.61 -11.46
N ILE B 83 21.39 -1.91 -11.19
CA ILE B 83 21.49 -2.38 -9.82
C ILE B 83 22.85 -2.13 -9.18
N GLN B 84 23.91 -2.08 -9.99
CA GLN B 84 25.24 -1.77 -9.45
C GLN B 84 25.22 -0.31 -8.95
N ARG B 85 24.61 0.57 -9.74
CA ARG B 85 24.50 1.98 -9.37
C ARG B 85 23.62 2.23 -8.13
N VAL B 86 22.51 1.50 -8.04
CA VAL B 86 21.67 1.54 -6.84
C VAL B 86 22.51 1.18 -5.62
N TYR B 87 23.26 0.06 -5.71
CA TYR B 87 24.12 -0.39 -4.61
C TYR B 87 25.22 0.61 -4.27
N ARG B 88 25.83 1.21 -5.29
CA ARG B 88 26.93 2.14 -5.06
C ARG B 88 26.41 3.43 -4.40
N GLU B 89 25.30 3.95 -4.90
CA GLU B 89 24.77 5.21 -4.41
C GLU B 89 24.06 5.12 -3.05
N THR B 90 23.40 3.98 -2.78
CA THR B 90 22.65 3.76 -1.52
C THR B 90 23.51 3.09 -0.45
N LYS B 91 24.51 2.34 -0.89
CA LYS B 91 25.31 1.45 -0.02
C LYS B 91 24.52 0.24 0.44
N ILE B 92 23.29 0.12 -0.07
CA ILE B 92 22.43 -1.01 0.22
C ILE B 92 22.53 -2.02 -0.92
N PRO B 93 22.85 -3.28 -0.61
CA PRO B 93 22.88 -4.29 -1.67
C PRO B 93 21.52 -4.58 -2.29
N VAL B 94 21.56 -5.05 -3.52
CA VAL B 94 20.34 -5.29 -4.30
C VAL B 94 20.29 -6.76 -4.70
N VAL B 95 19.13 -7.38 -4.48
CA VAL B 95 18.87 -8.75 -4.96
C VAL B 95 17.65 -8.72 -5.88
N VAL B 96 17.85 -9.12 -7.13
CA VAL B 96 16.74 -9.26 -8.10
C VAL B 96 16.22 -10.68 -8.02
N VAL B 97 14.94 -10.84 -7.70
CA VAL B 97 14.34 -12.19 -7.61
C VAL B 97 13.23 -12.36 -8.65
N ARG B 99 10.72 -15.31 -10.91
CA ARG B 99 10.17 -16.66 -10.98
C ARG B 99 10.52 -17.31 -12.32
N ARG B 100 10.69 -16.47 -13.34
CA ARG B 100 10.96 -16.95 -14.69
C ARG B 100 12.35 -16.53 -15.14
N LYS B 101 13.12 -17.50 -15.61
CA LYS B 101 14.41 -17.27 -16.28
C LYS B 101 14.18 -16.36 -17.49
N PRO B 102 14.65 -15.10 -17.42
CA PRO B 102 14.33 -14.19 -18.52
C PRO B 102 15.18 -14.51 -19.76
N ASP B 103 14.52 -14.65 -20.91
CA ASP B 103 15.22 -14.80 -22.17
C ASP B 103 15.81 -13.46 -22.58
N GLU B 105 18.14 -12.81 -24.75
CA GLU B 105 18.25 -12.67 -26.21
C GLU B 105 17.03 -11.90 -26.72
N GLU B 106 15.84 -12.39 -26.36
CA GLU B 106 14.57 -11.77 -26.76
C GLU B 106 14.37 -10.40 -26.13
N PHE B 107 14.96 -10.22 -24.95
CA PHE B 107 14.89 -8.96 -24.22
C PHE B 107 15.67 -7.86 -24.93
N ASP B 108 16.83 -8.22 -25.47
CA ASP B 108 17.69 -7.29 -26.21
C ASP B 108 17.04 -6.90 -27.54
N SER B 109 16.26 -7.80 -28.12
CA SER B 109 15.57 -7.54 -29.37
C SER B 109 14.37 -6.62 -29.17
N ALA B 110 13.52 -6.97 -28.21
CA ALA B 110 12.27 -6.22 -27.94
C ALA B 110 12.49 -4.80 -27.41
N ARG B 112 15.32 -2.70 -28.95
CA ARG B 112 16.06 -1.95 -30.00
C ARG B 112 15.32 -0.72 -30.52
N ASN B 113 13.99 -0.72 -30.37
CA ASN B 113 13.14 0.35 -30.89
C ASN B 113 13.26 1.67 -30.13
N LEU B 114 13.70 1.61 -28.87
CA LEU B 114 13.72 2.76 -27.97
C LEU B 114 14.95 3.66 -28.12
N GLU B 115 14.86 4.86 -27.54
CA GLU B 115 15.95 5.85 -27.49
C GLU B 115 17.11 5.41 -26.58
N ASN B 116 18.34 5.64 -27.05
CA ASN B 116 19.57 5.20 -26.38
C ASN B 116 19.53 3.73 -25.93
N TYR B 117 19.51 2.84 -26.92
CA TYR B 117 19.60 1.40 -26.70
C TYR B 117 20.94 1.03 -26.06
N GLU B 118 22.00 1.72 -26.48
CA GLU B 118 23.36 1.46 -25.97
C GLU B 118 23.41 1.60 -24.44
N LEU B 119 22.84 2.69 -23.93
CA LEU B 119 22.72 2.90 -22.50
C LEU B 119 21.96 1.75 -21.84
N ARG B 120 20.84 1.37 -22.44
CA ARG B 120 19.98 0.28 -21.92
C ARG B 120 20.72 -1.06 -21.91
N ARG B 121 21.42 -1.35 -23.00
CA ARG B 121 22.24 -2.56 -23.13
C ARG B 121 23.26 -2.69 -21.99
N LYS B 122 23.90 -1.56 -21.64
CA LYS B 122 24.87 -1.52 -20.54
C LYS B 122 24.21 -1.84 -19.21
N ILE B 123 23.00 -1.31 -19.00
CA ILE B 123 22.27 -1.58 -17.76
C ILE B 123 21.98 -3.08 -17.62
N VAL B 124 21.54 -3.71 -18.69
CA VAL B 124 21.26 -5.17 -18.69
C VAL B 124 22.52 -5.94 -18.32
N GLU B 125 23.62 -5.51 -18.90
CA GLU B 125 24.90 -6.17 -18.72
C GLU B 125 25.39 -6.11 -17.28
N VAL B 126 25.31 -4.93 -16.66
CA VAL B 126 25.84 -4.75 -15.28
C VAL B 126 25.11 -5.53 -14.21
N ALA B 127 23.84 -5.87 -14.42
CA ALA B 127 23.09 -6.73 -13.49
C ALA B 127 23.80 -8.07 -13.28
N GLY B 128 24.49 -8.54 -14.33
CA GLY B 128 25.45 -9.60 -14.19
C GLY B 128 24.83 -10.98 -14.22
N GLU B 129 25.50 -11.92 -13.59
CA GLU B 129 25.15 -13.33 -13.71
C GLU B 129 23.78 -13.63 -13.06
N ILE B 130 23.02 -14.49 -13.71
CA ILE B 130 21.73 -14.97 -13.22
C ILE B 130 21.99 -16.35 -12.64
N HIS B 131 21.61 -16.55 -11.38
CA HIS B 131 21.84 -17.80 -10.67
C HIS B 131 20.53 -18.49 -10.39
N ARG B 132 20.43 -19.78 -10.72
CA ARG B 132 19.28 -20.56 -10.32
C ARG B 132 19.39 -20.86 -8.82
N ILE B 133 18.50 -20.31 -8.04
CA ILE B 133 18.61 -20.45 -6.64
C ILE B 133 17.44 -21.29 -6.17
N GLY B 134 17.54 -22.56 -6.50
CA GLY B 134 16.46 -23.50 -6.32
C GLY B 134 15.44 -23.36 -7.43
N ASP B 135 14.71 -22.30 -7.37
CA ASP B 135 13.35 -22.40 -7.79
C ASP B 135 13.06 -21.09 -8.44
N ILE B 136 13.51 -20.04 -7.78
CA ILE B 136 13.77 -18.78 -8.40
C ILE B 136 15.17 -18.58 -9.02
N TYR B 137 15.29 -17.45 -9.66
CA TYR B 137 16.53 -16.97 -10.27
C TYR B 137 16.83 -15.61 -9.70
N ILE B 138 18.09 -15.40 -9.33
CA ILE B 138 18.47 -14.12 -8.76
C ILE B 138 19.66 -13.49 -9.50
N GLN B 139 19.73 -12.16 -9.43
CA GLN B 139 20.92 -11.38 -9.74
C GLN B 139 21.18 -10.57 -8.50
N THR B 140 22.43 -10.17 -8.32
CA THR B 140 22.80 -9.42 -7.12
C THR B 140 23.73 -8.27 -7.47
N ALA B 141 23.68 -7.22 -6.66
CA ALA B 141 24.74 -6.22 -6.62
C ALA B 141 25.08 -6.01 -5.15
N GLY B 142 26.34 -6.25 -4.79
CA GLY B 142 26.83 -5.99 -3.44
C GLY B 142 26.72 -7.13 -2.45
N LEU B 143 26.38 -8.31 -2.95
CA LEU B 143 26.33 -9.54 -2.17
C LEU B 143 26.71 -10.67 -3.10
N THR B 144 27.20 -11.77 -2.53
CA THR B 144 27.43 -12.99 -3.31
C THR B 144 26.09 -13.69 -3.51
N PRO B 145 26.03 -14.63 -4.48
CA PRO B 145 24.88 -15.53 -4.61
C PRO B 145 24.45 -16.15 -3.26
N SER B 146 25.42 -16.61 -2.46
CA SER B 146 25.15 -17.29 -1.19
C SER B 146 24.55 -16.39 -0.12
N GLU B 147 25.14 -15.22 0.07
CA GLU B 147 24.56 -14.23 0.98
C GLU B 147 23.15 -13.80 0.53
N ALA B 148 22.99 -13.56 -0.77
CA ALA B 148 21.67 -13.19 -1.31
C ALA B 148 20.65 -14.30 -1.07
N GLU B 149 21.04 -15.53 -1.41
CA GLU B 149 20.20 -16.72 -1.14
C GLU B 149 19.65 -16.74 0.29
N LYS B 150 20.54 -16.53 1.27
CA LYS B 150 20.17 -16.45 2.70
C LYS B 150 19.11 -15.36 2.98
N LEU B 151 19.30 -14.19 2.39
CA LEU B 151 18.37 -13.08 2.60
C LEU B 151 17.01 -13.32 1.95
N VAL B 152 17.01 -13.92 0.76
CA VAL B 152 15.75 -14.24 0.07
C VAL B 152 14.94 -15.20 0.93
N LYS B 153 15.60 -16.25 1.41
CA LYS B 153 14.93 -17.25 2.27
C LYS B 153 14.35 -16.64 3.54
N ALA B 154 15.10 -15.73 4.15
CA ALA B 154 14.70 -15.00 5.37
C ALA B 154 13.50 -14.07 5.17
N SER B 155 13.32 -13.62 3.93
CA SER B 155 12.29 -12.66 3.59
C SER B 155 10.97 -13.31 3.20
N LEU B 156 10.93 -14.65 3.11
CA LEU B 156 9.70 -15.33 2.68
C LEU B 156 8.72 -15.57 3.83
N ILE B 157 7.44 -15.42 3.52
CA ILE B 157 6.35 -15.84 4.43
C ILE B 157 5.63 -17.03 3.80
N LYS B 158 4.67 -16.75 2.92
CA LYS B 158 4.17 -17.76 2.00
C LYS B 158 4.63 -17.48 0.57
N GLY B 159 4.83 -18.54 -0.20
CA GLY B 159 5.28 -18.42 -1.57
C GLY B 159 6.76 -18.09 -1.67
N ASN B 160 7.23 -17.91 -2.90
CA ASN B 160 8.67 -17.96 -3.17
C ASN B 160 9.23 -16.59 -3.53
N PRO B 162 10.05 -12.60 -2.01
CA PRO B 162 10.19 -11.73 -0.85
C PRO B 162 8.87 -11.07 -0.48
N GLU B 163 8.50 -11.20 0.79
CA GLU B 163 7.26 -10.65 1.30
C GLU B 163 7.01 -9.17 0.93
N PRO B 164 8.01 -8.28 1.11
CA PRO B 164 7.68 -6.89 0.78
C PRO B 164 7.53 -6.65 -0.74
N VAL B 165 8.11 -7.53 -1.56
CA VAL B 165 7.84 -7.42 -2.99
C VAL B 165 6.40 -7.80 -3.25
N ARG B 166 5.95 -8.96 -2.74
CA ARG B 166 4.53 -9.37 -2.83
C ARG B 166 3.61 -8.21 -2.47
N ILE B 167 3.91 -7.53 -1.37
CA ILE B 167 2.99 -6.53 -0.82
C ILE B 167 3.05 -5.23 -1.69
N SER B 168 4.23 -4.83 -2.13
CA SER B 168 4.35 -3.68 -3.04
C SER B 168 3.65 -3.91 -4.37
N HIS B 169 3.68 -5.13 -4.90
CA HIS B 169 2.91 -5.48 -6.11
C HIS B 169 1.40 -5.23 -5.93
N LEU B 170 0.87 -5.66 -4.80
CA LEU B 170 -0.56 -5.52 -4.50
C LEU B 170 -0.94 -4.04 -4.45
N VAL B 171 -0.08 -3.25 -3.82
CA VAL B 171 -0.31 -1.79 -3.73
C VAL B 171 -0.26 -1.12 -5.11
N ALA B 172 0.87 -1.30 -5.81
CA ALA B 172 1.03 -0.73 -7.13
C ALA B 172 -0.11 -1.08 -8.08
N SER B 173 -0.48 -2.37 -8.13
CA SER B 173 -1.57 -2.80 -9.00
C SER B 173 -2.94 -2.23 -8.63
N ALA B 174 -3.23 -2.15 -7.33
CA ALA B 174 -4.42 -1.40 -6.86
C ALA B 174 -4.47 0.06 -7.34
N ILE B 175 -3.34 0.76 -7.29
CA ILE B 175 -3.28 2.18 -7.70
C ILE B 175 -3.54 2.31 -9.19
N ILE B 176 -2.86 1.47 -9.97
CA ILE B 176 -3.01 1.54 -11.44
C ILE B 176 -4.24 0.86 -12.03
N HIS B 177 -4.47 -0.41 -11.65
CA HIS B 177 -5.39 -1.30 -12.38
C HIS B 177 -6.68 -1.66 -11.64
N GLY B 178 -6.63 -1.67 -10.31
CA GLY B 178 -7.67 -2.31 -9.48
C GLY B 178 -9.07 -1.81 -9.71
#